data_4MNJ
#
_entry.id   4MNJ
#
_cell.length_a   57.489
_cell.length_b   63.940
_cell.length_c   85.591
_cell.angle_alpha   90.00
_cell.angle_beta   90.00
_cell.angle_gamma   90.00
#
_symmetry.space_group_name_H-M   'P 21 21 21'
#
loop_
_entity.id
_entity.type
_entity.pdbx_description
1 polymer 'Chitinase A'
2 non-polymer 'ACETATE ION'
3 water water
#
_entity_poly.entity_id   1
_entity_poly.type   'polypeptide(L)'
_entity_poly.pdbx_seq_one_letter_code
;MQNALKVGFWPAYSVSEFPPSKINSRLFTHLYYAFAELNAPTFEVRVPPGSEKTAEDFTPTVRRLNPSVKTLISIGGGGS
EVRDNFAKLNSDASARQRFVKSSIALARRYGFHGLDLDYEYPEPQLEMENFVKLVSELTAAIREEARTSGKPRLLLTEAV
YFHQKLFPWEVVTEYPVQFIAAGLDWVNVMAYDFHGSWENFTGAPAALRDPNSKFTASVGIESFLAAGMPPEKLVLGIPL
FGRSWLLKNNNEVGIGAPAVGAGPVDGALSFSEIQNFIRGGAREVFDTTTVSAYAYKDNVWVGYDNQQSVALKVQYAKEK
RLGGYFFWSVNQDIDAILPKIASDTWGG
;
_entity_poly.pdbx_strand_id   A
#
loop_
_chem_comp.id
_chem_comp.type
_chem_comp.name
_chem_comp.formula
ACT non-polymer 'ACETATE ION' 'C2 H3 O2 -1'
#
# COMPACT_ATOMS: atom_id res chain seq x y z
N ALA A 4 -0.18 8.69 -15.70
CA ALA A 4 0.82 8.19 -14.71
C ALA A 4 0.37 8.45 -13.28
N LEU A 5 0.10 7.37 -12.54
CA LEU A 5 -0.40 7.48 -11.18
C LEU A 5 0.76 7.51 -10.19
N LYS A 6 0.85 8.60 -9.43
CA LYS A 6 1.89 8.78 -8.42
C LYS A 6 1.18 8.84 -7.07
N VAL A 7 1.20 7.71 -6.36
CA VAL A 7 0.28 7.52 -5.25
C VAL A 7 1.00 7.46 -3.90
N GLY A 8 0.41 8.08 -2.88
CA GLY A 8 0.96 8.01 -1.53
C GLY A 8 -0.10 7.77 -0.49
N PHE A 9 0.23 6.96 0.53
CA PHE A 9 -0.67 6.68 1.64
C PHE A 9 -0.22 7.44 2.87
N TRP A 10 -1.16 8.17 3.49
CA TRP A 10 -0.90 8.84 4.76
C TRP A 10 -1.72 8.16 5.86
N PRO A 11 -1.03 7.63 6.89
CA PRO A 11 -1.78 6.99 7.97
C PRO A 11 -2.18 7.97 9.07
N ALA A 12 -3.46 7.99 9.41
CA ALA A 12 -3.98 8.89 10.43
C ALA A 12 -3.30 8.76 11.80
N TYR A 13 -2.75 7.57 12.08
CA TYR A 13 -2.01 7.32 13.33
C TYR A 13 -0.83 8.28 13.51
N SER A 14 -0.29 8.77 12.39
CA SER A 14 0.94 9.56 12.40
C SER A 14 0.72 11.07 12.59
N VAL A 15 -0.53 11.46 12.80
CA VAL A 15 -0.90 12.88 12.83
C VAL A 15 -0.10 13.76 13.80
N SER A 16 0.24 13.22 14.98
CA SER A 16 0.98 13.96 16.00
C SER A 16 2.40 14.34 15.58
N GLU A 17 3.02 13.50 14.74
CA GLU A 17 4.39 13.70 14.31
C GLU A 17 4.49 14.16 12.85
N PHE A 18 3.49 13.79 12.05
CA PHE A 18 3.49 14.10 10.63
C PHE A 18 2.06 14.44 10.18
N PRO A 19 1.62 15.68 10.47
CA PRO A 19 0.28 16.08 10.03
C PRO A 19 0.22 16.19 8.50
N PRO A 20 -1.00 16.19 7.91
CA PRO A 20 -1.10 16.26 6.45
C PRO A 20 -0.39 17.45 5.81
N SER A 21 -0.23 18.54 6.55
CA SER A 21 0.48 19.72 6.04
C SER A 21 1.95 19.45 5.67
N LYS A 22 2.50 18.37 6.21
CA LYS A 22 3.90 18.01 5.96
C LYS A 22 4.10 17.21 4.66
N ILE A 23 3.02 16.70 4.09
CA ILE A 23 3.12 15.93 2.85
C ILE A 23 3.49 16.83 1.68
N ASN A 24 4.52 16.45 0.92
CA ASN A 24 4.84 17.18 -0.29
C ASN A 24 3.96 16.69 -1.43
N SER A 25 2.75 17.25 -1.50
CA SER A 25 1.74 16.80 -2.45
C SER A 25 2.06 17.16 -3.90
N ARG A 26 3.10 17.97 -4.12
CA ARG A 26 3.57 18.26 -5.48
C ARG A 26 4.13 17.01 -6.17
N LEU A 27 4.49 16.02 -5.35
CA LEU A 27 5.13 14.81 -5.85
C LEU A 27 4.14 13.67 -6.12
N PHE A 28 2.84 13.98 -5.99
CA PHE A 28 1.80 12.97 -6.11
C PHE A 28 0.65 13.41 -7.01
N THR A 29 -0.04 12.43 -7.59
CA THR A 29 -1.31 12.66 -8.28
C THR A 29 -2.49 12.30 -7.37
N HIS A 30 -2.28 11.32 -6.49
CA HIS A 30 -3.32 10.81 -5.59
C HIS A 30 -2.76 10.53 -4.21
N LEU A 31 -3.48 11.00 -3.20
CA LEU A 31 -3.11 10.77 -1.80
C LEU A 31 -4.23 10.09 -1.04
N TYR A 32 -3.89 9.04 -0.31
CA TYR A 32 -4.87 8.29 0.46
C TYR A 32 -4.82 8.61 1.95
N TYR A 33 -6.01 8.73 2.55
CA TYR A 33 -6.18 8.79 3.99
C TYR A 33 -6.43 7.35 4.46
N ALA A 34 -5.58 6.86 5.35
CA ALA A 34 -5.70 5.50 5.88
C ALA A 34 -5.82 5.53 7.42
N PHE A 35 -6.88 4.98 8.01
CA PHE A 35 -7.98 4.25 7.37
C PHE A 35 -9.31 4.62 8.02
N ALA A 36 -10.38 4.56 7.25
CA ALA A 36 -11.73 4.53 7.82
C ALA A 36 -11.99 3.11 8.36
N GLU A 37 -12.78 3.03 9.43
CA GLU A 37 -13.08 1.72 10.04
C GLU A 37 -14.41 1.15 9.53
N LEU A 38 -14.52 -0.18 9.57
CA LEU A 38 -15.71 -0.87 9.08
C LEU A 38 -16.90 -0.70 10.02
N ASN A 39 -16.62 -0.56 11.31
CA ASN A 39 -17.65 -0.31 12.33
C ASN A 39 -18.72 -1.40 12.41
N ALA A 40 -18.28 -2.64 12.60
CA ALA A 40 -19.17 -3.75 12.92
C ALA A 40 -19.89 -3.43 14.24
N PRO A 41 -21.14 -3.91 14.41
CA PRO A 41 -21.93 -4.75 13.51
C PRO A 41 -22.83 -4.00 12.51
N THR A 42 -22.97 -2.68 12.66
CA THR A 42 -23.84 -1.92 11.76
C THR A 42 -23.21 -1.74 10.38
N PHE A 43 -21.88 -1.73 10.34
CA PHE A 43 -21.12 -1.45 9.12
C PHE A 43 -21.48 -0.11 8.49
N GLU A 44 -21.81 0.86 9.36
CA GLU A 44 -21.90 2.25 8.97
C GLU A 44 -20.48 2.76 9.05
N VAL A 45 -19.81 2.72 7.90
CA VAL A 45 -18.39 3.06 7.78
C VAL A 45 -18.15 4.48 8.25
N ARG A 46 -17.02 4.68 8.93
CA ARG A 46 -16.73 5.98 9.53
C ARG A 46 -15.24 6.13 9.76
N VAL A 47 -14.76 7.36 9.90
CA VAL A 47 -13.42 7.56 10.41
C VAL A 47 -13.47 7.29 11.91
N PRO A 48 -12.35 6.84 12.51
CA PRO A 48 -12.37 6.61 13.95
C PRO A 48 -12.90 7.86 14.69
N PRO A 49 -13.93 7.69 15.54
CA PRO A 49 -14.49 8.86 16.24
C PRO A 49 -13.40 9.66 16.96
N GLY A 50 -13.47 10.98 16.84
CA GLY A 50 -12.44 11.85 17.38
C GLY A 50 -11.48 12.35 16.30
N SER A 51 -11.52 11.71 15.13
CA SER A 51 -10.64 12.10 14.03
C SER A 51 -11.37 12.81 12.88
N GLU A 52 -12.63 13.19 13.11
CA GLU A 52 -13.45 13.85 12.09
C GLU A 52 -12.81 15.11 11.49
N LYS A 53 -12.21 15.94 12.33
CA LYS A 53 -11.61 17.20 11.85
C LYS A 53 -10.39 16.92 10.95
N THR A 54 -9.58 15.95 11.37
CA THR A 54 -8.41 15.52 10.60
C THR A 54 -8.82 15.00 9.22
N ALA A 55 -9.86 14.18 9.19
CA ALA A 55 -10.38 13.64 7.92
C ALA A 55 -10.93 14.74 7.01
N GLU A 56 -11.71 15.66 7.57
CA GLU A 56 -12.25 16.78 6.80
C GLU A 56 -11.16 17.70 6.24
N ASP A 57 -10.14 17.97 7.05
CA ASP A 57 -9.10 18.92 6.67
C ASP A 57 -8.07 18.32 5.72
N PHE A 58 -8.03 16.99 5.63
CA PHE A 58 -7.00 16.30 4.83
C PHE A 58 -6.91 16.82 3.41
N THR A 59 -8.03 16.81 2.70
CA THR A 59 -8.01 17.13 1.27
C THR A 59 -7.73 18.62 1.02
N PRO A 60 -8.45 19.55 1.69
CA PRO A 60 -8.09 20.95 1.50
C PRO A 60 -6.63 21.25 1.82
N THR A 61 -6.08 20.59 2.84
CA THR A 61 -4.70 20.81 3.25
C THR A 61 -3.69 20.38 2.19
N VAL A 62 -3.78 19.13 1.74
CA VAL A 62 -2.85 18.65 0.70
C VAL A 62 -2.98 19.41 -0.62
N ARG A 63 -4.20 19.83 -0.94
CA ARG A 63 -4.45 20.56 -2.18
C ARG A 63 -3.88 21.98 -2.20
N ARG A 64 -3.49 22.50 -1.04
CA ARG A 64 -2.95 23.85 -0.98
C ARG A 64 -1.60 23.94 -1.70
N LEU A 65 -0.85 22.84 -1.72
CA LEU A 65 0.47 22.81 -2.35
C LEU A 65 0.42 22.36 -3.80
N ASN A 66 -0.61 21.57 -4.11
CA ASN A 66 -0.81 21.03 -5.46
C ASN A 66 -2.31 20.81 -5.65
N PRO A 67 -3.02 21.86 -6.08
CA PRO A 67 -4.47 21.80 -6.18
C PRO A 67 -4.98 20.64 -7.04
N SER A 68 -4.18 20.22 -8.02
CA SER A 68 -4.58 19.13 -8.93
C SER A 68 -4.57 17.75 -8.28
N VAL A 69 -3.90 17.62 -7.12
CA VAL A 69 -3.83 16.33 -6.45
C VAL A 69 -5.24 15.89 -6.04
N LYS A 70 -5.52 14.59 -6.19
CA LYS A 70 -6.80 14.04 -5.76
C LYS A 70 -6.58 13.15 -4.54
N THR A 71 -7.64 12.89 -3.80
CA THR A 71 -7.56 12.09 -2.59
C THR A 71 -8.58 10.95 -2.60
N LEU A 72 -8.22 9.89 -1.87
CA LEU A 72 -9.15 8.77 -1.66
C LEU A 72 -9.07 8.42 -0.19
N ILE A 73 -10.16 7.86 0.33
CA ILE A 73 -10.13 7.34 1.69
C ILE A 73 -10.19 5.82 1.66
N SER A 74 -9.23 5.21 2.35
CA SER A 74 -9.09 3.76 2.37
C SER A 74 -9.81 3.19 3.59
N ILE A 75 -10.61 2.16 3.34
CA ILE A 75 -11.40 1.51 4.38
C ILE A 75 -10.78 0.16 4.74
N GLY A 76 -10.51 -0.03 6.02
CA GLY A 76 -9.95 -1.30 6.48
C GLY A 76 -8.58 -1.16 7.10
N GLY A 77 -7.60 -1.83 6.49
CA GLY A 77 -6.24 -1.88 7.02
C GLY A 77 -5.75 -3.30 7.12
N GLY A 78 -4.45 -3.45 7.40
CA GLY A 78 -3.88 -4.77 7.68
C GLY A 78 -4.27 -5.20 9.08
N GLY A 79 -4.04 -6.47 9.40
CA GLY A 79 -4.34 -6.95 10.73
C GLY A 79 -5.65 -7.69 10.82
N SER A 80 -5.71 -8.59 11.80
CA SER A 80 -6.75 -9.60 11.88
C SER A 80 -8.16 -9.06 12.12
N GLU A 81 -8.28 -8.04 12.98
CA GLU A 81 -9.59 -7.45 13.30
C GLU A 81 -10.32 -6.98 12.04
N VAL A 82 -9.58 -6.30 11.15
CA VAL A 82 -10.16 -5.81 9.90
C VAL A 82 -10.56 -6.99 8.99
N ARG A 83 -9.67 -7.97 8.86
CA ARG A 83 -9.96 -9.15 8.05
C ARG A 83 -11.23 -9.87 8.54
N ASP A 84 -11.33 -10.04 9.86
CA ASP A 84 -12.49 -10.65 10.50
C ASP A 84 -13.77 -9.87 10.19
N ASN A 85 -13.67 -8.54 10.25
CA ASN A 85 -14.82 -7.68 9.99
C ASN A 85 -15.29 -7.73 8.53
N PHE A 86 -14.35 -7.75 7.58
CA PHE A 86 -14.70 -7.91 6.18
C PHE A 86 -15.38 -9.26 5.94
N ALA A 87 -14.88 -10.30 6.59
CA ALA A 87 -15.44 -11.63 6.43
C ALA A 87 -16.88 -11.70 6.97
N LYS A 88 -17.13 -11.06 8.11
CA LYS A 88 -18.48 -10.97 8.67
C LYS A 88 -19.39 -10.15 7.76
N LEU A 89 -18.89 -8.98 7.33
CA LEU A 89 -19.63 -8.07 6.47
C LEU A 89 -20.09 -8.74 5.19
N ASN A 90 -19.16 -9.39 4.49
CA ASN A 90 -19.40 -9.83 3.11
C ASN A 90 -20.37 -10.99 3.00
N SER A 91 -20.60 -11.69 4.12
CA SER A 91 -21.52 -12.82 4.16
C SER A 91 -22.98 -12.39 4.39
N ASP A 92 -23.19 -11.11 4.71
CA ASP A 92 -24.48 -10.58 5.13
C ASP A 92 -24.95 -9.53 4.12
N ALA A 93 -25.93 -9.87 3.29
CA ALA A 93 -26.41 -8.96 2.24
C ALA A 93 -26.87 -7.60 2.77
N SER A 94 -27.57 -7.61 3.89
CA SER A 94 -28.03 -6.36 4.53
C SER A 94 -26.87 -5.49 4.98
N ALA A 95 -25.86 -6.12 5.59
CA ALA A 95 -24.66 -5.41 6.02
C ALA A 95 -23.91 -4.83 4.82
N ARG A 96 -23.82 -5.59 3.73
CA ARG A 96 -23.18 -5.09 2.52
C ARG A 96 -23.86 -3.82 2.02
N GLN A 97 -25.20 -3.81 2.03
CA GLN A 97 -25.97 -2.63 1.63
C GLN A 97 -25.65 -1.41 2.50
N ARG A 98 -25.57 -1.62 3.81
CA ARG A 98 -25.23 -0.53 4.74
C ARG A 98 -23.81 -0.03 4.53
N PHE A 99 -22.87 -0.95 4.29
CA PHE A 99 -21.49 -0.60 4.01
C PHE A 99 -21.39 0.25 2.74
N VAL A 100 -22.08 -0.18 1.69
CA VAL A 100 -22.01 0.49 0.39
C VAL A 100 -22.56 1.91 0.49
N LYS A 101 -23.73 2.07 1.11
CA LYS A 101 -24.35 3.37 1.25
C LYS A 101 -23.49 4.31 2.09
N SER A 102 -23.02 3.82 3.24
CA SER A 102 -22.23 4.64 4.16
C SER A 102 -20.84 4.99 3.65
N SER A 103 -20.23 4.09 2.88
CA SER A 103 -18.90 4.34 2.31
C SER A 103 -18.95 5.49 1.30
N ILE A 104 -19.94 5.44 0.41
CA ILE A 104 -20.11 6.50 -0.57
C ILE A 104 -20.38 7.83 0.14
N ALA A 105 -21.28 7.80 1.13
CA ALA A 105 -21.59 9.00 1.91
C ALA A 105 -20.36 9.56 2.63
N LEU A 106 -19.51 8.66 3.12
CA LEU A 106 -18.29 9.05 3.82
C LEU A 106 -17.35 9.84 2.92
N ALA A 107 -17.13 9.32 1.71
CA ALA A 107 -16.25 9.98 0.76
C ALA A 107 -16.75 11.39 0.45
N ARG A 108 -18.06 11.52 0.18
CA ARG A 108 -18.63 12.82 -0.14
C ARG A 108 -18.60 13.77 1.06
N ARG A 109 -18.86 13.23 2.24
CA ARG A 109 -18.89 14.01 3.48
C ARG A 109 -17.60 14.79 3.71
N TYR A 110 -16.47 14.12 3.49
CA TYR A 110 -15.16 14.71 3.79
C TYR A 110 -14.43 15.27 2.56
N GLY A 111 -15.06 15.15 1.40
CA GLY A 111 -14.51 15.74 0.18
C GLY A 111 -13.43 14.89 -0.50
N PHE A 112 -13.48 13.59 -0.28
CA PHE A 112 -12.60 12.65 -0.99
C PHE A 112 -13.10 12.39 -2.40
N HIS A 113 -12.18 12.00 -3.28
CA HIS A 113 -12.51 11.78 -4.70
C HIS A 113 -12.68 10.31 -5.03
N GLY A 114 -12.52 9.45 -4.03
CA GLY A 114 -12.62 8.01 -4.25
C GLY A 114 -12.53 7.20 -2.97
N LEU A 115 -12.75 5.90 -3.13
CA LEU A 115 -12.74 4.94 -2.03
C LEU A 115 -11.72 3.84 -2.35
N ASP A 116 -11.09 3.33 -1.31
CA ASP A 116 -10.17 2.19 -1.43
C ASP A 116 -10.58 1.15 -0.40
N LEU A 117 -10.47 -0.13 -0.77
CA LEU A 117 -10.70 -1.22 0.16
C LEU A 117 -9.39 -1.91 0.49
N ASP A 118 -9.02 -1.90 1.76
CA ASP A 118 -7.81 -2.60 2.19
C ASP A 118 -8.19 -3.85 3.00
N TYR A 119 -8.36 -4.96 2.28
CA TYR A 119 -8.78 -6.24 2.83
C TYR A 119 -7.69 -7.28 2.60
N GLU A 120 -7.04 -7.70 3.69
CA GLU A 120 -5.91 -8.61 3.60
C GLU A 120 -6.19 -9.90 4.37
N TYR A 121 -6.69 -10.95 3.71
CA TYR A 121 -6.96 -11.01 2.26
C TYR A 121 -8.27 -11.75 2.01
N PRO A 122 -8.88 -11.55 0.83
CA PRO A 122 -10.10 -12.30 0.49
C PRO A 122 -9.83 -13.76 0.14
N GLU A 123 -9.45 -14.54 1.15
CA GLU A 123 -9.22 -15.98 1.01
C GLU A 123 -9.68 -16.66 2.29
N PRO A 124 -10.11 -17.95 2.21
CA PRO A 124 -10.16 -18.84 1.05
C PRO A 124 -11.30 -18.50 0.07
N GLN A 125 -11.67 -19.46 -0.77
CA GLN A 125 -12.60 -19.24 -1.88
C GLN A 125 -13.91 -18.56 -1.44
N LEU A 126 -14.49 -19.01 -0.33
CA LEU A 126 -15.72 -18.41 0.17
C LEU A 126 -15.58 -16.90 0.35
N GLU A 127 -14.45 -16.49 0.92
CA GLU A 127 -14.21 -15.09 1.19
C GLU A 127 -14.03 -14.28 -0.09
N MET A 128 -13.41 -14.88 -1.10
CA MET A 128 -13.32 -14.23 -2.42
C MET A 128 -14.69 -14.07 -3.06
N GLU A 129 -15.50 -15.13 -3.02
CA GLU A 129 -16.85 -15.08 -3.58
C GLU A 129 -17.70 -14.01 -2.91
N ASN A 130 -17.63 -13.92 -1.59
CA ASN A 130 -18.38 -12.90 -0.87
C ASN A 130 -17.84 -11.47 -1.07
N PHE A 131 -16.52 -11.36 -1.23
CA PHE A 131 -15.89 -10.07 -1.56
C PHE A 131 -16.32 -9.58 -2.94
N VAL A 132 -16.43 -10.49 -3.90
CA VAL A 132 -17.00 -10.19 -5.23
C VAL A 132 -18.39 -9.55 -5.11
N LYS A 133 -19.23 -10.08 -4.22
CA LYS A 133 -20.57 -9.52 -4.00
C LYS A 133 -20.49 -8.08 -3.50
N LEU A 134 -19.64 -7.83 -2.51
CA LEU A 134 -19.47 -6.48 -1.96
C LEU A 134 -18.99 -5.50 -3.03
N VAL A 135 -17.93 -5.88 -3.74
CA VAL A 135 -17.31 -4.98 -4.71
C VAL A 135 -18.25 -4.70 -5.90
N SER A 136 -18.98 -5.72 -6.34
CA SER A 136 -19.95 -5.53 -7.42
C SER A 136 -21.04 -4.53 -7.03
N GLU A 137 -21.56 -4.67 -5.82
CA GLU A 137 -22.59 -3.78 -5.30
C GLU A 137 -22.04 -2.36 -5.14
N LEU A 138 -20.80 -2.25 -4.67
CA LEU A 138 -20.16 -0.94 -4.52
C LEU A 138 -19.95 -0.23 -5.86
N THR A 139 -19.45 -0.96 -6.86
CA THR A 139 -19.28 -0.40 -8.21
C THR A 139 -20.58 0.15 -8.76
N ALA A 140 -21.66 -0.62 -8.67
CA ALA A 140 -22.95 -0.22 -9.19
C ALA A 140 -23.50 1.02 -8.48
N ALA A 141 -23.34 1.05 -7.16
CA ALA A 141 -23.79 2.18 -6.36
C ALA A 141 -22.97 3.44 -6.62
N ILE A 142 -21.67 3.27 -6.88
CA ILE A 142 -20.81 4.40 -7.21
C ILE A 142 -21.26 5.04 -8.54
N ARG A 143 -21.60 4.21 -9.52
CA ARG A 143 -22.07 4.71 -10.80
C ARG A 143 -23.43 5.39 -10.68
N GLU A 144 -24.31 4.82 -9.86
CA GLU A 144 -25.64 5.39 -9.59
C GLU A 144 -25.54 6.76 -8.91
N GLU A 145 -24.65 6.87 -7.93
CA GLU A 145 -24.45 8.12 -7.20
C GLU A 145 -23.93 9.23 -8.12
N ALA A 146 -23.07 8.87 -9.07
CA ALA A 146 -22.53 9.81 -10.04
C ALA A 146 -23.63 10.38 -10.94
N ARG A 147 -24.61 9.54 -11.26
CA ARG A 147 -25.72 9.93 -12.14
C ARG A 147 -26.72 10.83 -11.41
N THR A 148 -27.15 10.40 -10.23
CA THR A 148 -28.15 11.14 -9.44
C THR A 148 -27.64 12.47 -8.91
N SER A 149 -26.43 12.47 -8.35
CA SER A 149 -25.83 13.68 -7.77
C SER A 149 -25.29 14.63 -8.83
N GLY A 150 -24.94 14.09 -9.99
CA GLY A 150 -24.36 14.88 -11.08
C GLY A 150 -22.87 15.14 -10.94
N LYS A 151 -22.30 14.73 -9.80
CA LYS A 151 -20.89 14.95 -9.49
C LYS A 151 -20.01 13.93 -10.22
N PRO A 152 -18.70 14.25 -10.40
CA PRO A 152 -17.78 13.27 -11.00
C PRO A 152 -17.71 11.98 -10.18
N ARG A 153 -17.76 10.85 -10.87
CA ARG A 153 -17.83 9.53 -10.26
C ARG A 153 -16.66 9.28 -9.30
N LEU A 154 -16.96 8.75 -8.11
CA LEU A 154 -15.92 8.36 -7.16
C LEU A 154 -15.00 7.30 -7.78
N LEU A 155 -13.70 7.47 -7.55
CA LEU A 155 -12.74 6.43 -7.90
C LEU A 155 -12.90 5.25 -6.95
N LEU A 156 -12.61 4.06 -7.44
CA LEU A 156 -12.63 2.86 -6.60
C LEU A 156 -11.37 2.05 -6.83
N THR A 157 -10.64 1.81 -5.73
CA THR A 157 -9.42 1.00 -5.80
C THR A 157 -9.44 -0.02 -4.68
N GLU A 158 -8.49 -0.97 -4.72
CA GLU A 158 -8.31 -1.89 -3.62
C GLU A 158 -6.85 -2.32 -3.48
N ALA A 159 -6.49 -2.70 -2.27
CA ALA A 159 -5.22 -3.37 -2.00
C ALA A 159 -5.26 -4.79 -2.54
N VAL A 160 -4.18 -5.20 -3.18
CA VAL A 160 -4.02 -6.62 -3.53
C VAL A 160 -2.67 -7.15 -3.06
N TYR A 161 -2.66 -8.44 -2.74
CA TYR A 161 -1.44 -9.20 -2.51
C TYR A 161 -0.48 -9.03 -3.69
N PHE A 162 0.81 -9.26 -3.47
CA PHE A 162 1.81 -9.05 -4.52
C PHE A 162 1.57 -9.95 -5.73
N HIS A 163 0.86 -11.05 -5.51
CA HIS A 163 0.64 -12.10 -6.50
C HIS A 163 -0.83 -12.27 -6.78
N GLN A 164 -1.15 -12.66 -8.02
CA GLN A 164 -2.53 -12.86 -8.43
C GLN A 164 -3.17 -14.08 -7.74
N LYS A 165 -2.33 -15.05 -7.36
CA LYS A 165 -2.81 -16.24 -6.65
C LYS A 165 -2.70 -16.09 -5.14
N LEU A 166 -3.75 -16.49 -4.45
CA LEU A 166 -3.73 -16.59 -3.00
C LEU A 166 -3.77 -18.08 -2.63
N PHE A 167 -2.61 -18.70 -2.38
CA PHE A 167 -1.29 -18.07 -2.48
C PHE A 167 -0.44 -18.87 -3.49
N PRO A 168 0.70 -18.32 -3.95
CA PRO A 168 1.47 -18.98 -5.00
C PRO A 168 1.88 -20.42 -4.69
N TRP A 169 2.25 -20.67 -3.44
CA TRP A 169 2.71 -21.99 -3.00
C TRP A 169 1.56 -22.97 -2.74
N GLU A 170 0.37 -22.43 -2.50
CA GLU A 170 -0.82 -23.22 -2.19
C GLU A 170 -2.05 -22.40 -2.57
N VAL A 171 -2.53 -22.62 -3.79
CA VAL A 171 -3.59 -21.81 -4.37
C VAL A 171 -4.95 -22.25 -3.82
N VAL A 172 -5.59 -21.37 -3.04
CA VAL A 172 -6.94 -21.63 -2.54
C VAL A 172 -7.97 -20.81 -3.31
N THR A 173 -7.55 -19.64 -3.77
CA THR A 173 -8.36 -18.78 -4.62
C THR A 173 -7.41 -17.84 -5.37
N GLU A 174 -7.96 -16.97 -6.19
CA GLU A 174 -7.16 -16.00 -6.93
C GLU A 174 -7.99 -14.77 -7.25
N TYR A 175 -7.32 -13.65 -7.48
CA TYR A 175 -8.00 -12.42 -7.83
C TYR A 175 -8.62 -12.55 -9.22
N PRO A 176 -9.92 -12.26 -9.32
CA PRO A 176 -10.60 -12.30 -10.61
C PRO A 176 -10.29 -11.02 -11.39
N VAL A 177 -9.28 -11.11 -12.27
CA VAL A 177 -8.73 -9.90 -12.88
C VAL A 177 -9.69 -9.16 -13.82
N GLN A 178 -10.51 -9.90 -14.56
CA GLN A 178 -11.48 -9.26 -15.45
C GLN A 178 -12.52 -8.48 -14.66
N PHE A 179 -13.04 -9.12 -13.61
CA PHE A 179 -13.97 -8.51 -12.66
C PHE A 179 -13.37 -7.21 -12.11
N ILE A 180 -12.14 -7.30 -11.62
CA ILE A 180 -11.46 -6.16 -11.02
C ILE A 180 -11.26 -5.02 -12.04
N ALA A 181 -10.80 -5.36 -13.23
CA ALA A 181 -10.54 -4.36 -14.27
C ALA A 181 -11.82 -3.60 -14.66
N ALA A 182 -12.95 -4.29 -14.65
CA ALA A 182 -14.25 -3.70 -14.99
C ALA A 182 -14.82 -2.79 -13.89
N GLY A 183 -14.61 -3.17 -12.63
CA GLY A 183 -15.22 -2.45 -11.50
C GLY A 183 -14.34 -1.39 -10.85
N LEU A 184 -13.03 -1.54 -11.00
CA LEU A 184 -12.08 -0.67 -10.30
C LEU A 184 -11.24 0.17 -11.24
N ASP A 185 -10.80 1.33 -10.76
CA ASP A 185 -9.92 2.20 -11.52
C ASP A 185 -8.49 1.69 -11.54
N TRP A 186 -8.05 1.12 -10.42
CA TRP A 186 -6.77 0.41 -10.34
C TRP A 186 -6.68 -0.39 -9.05
N VAL A 187 -5.64 -1.23 -8.96
CA VAL A 187 -5.33 -1.94 -7.73
C VAL A 187 -3.93 -1.55 -7.24
N ASN A 188 -3.78 -1.54 -5.92
CA ASN A 188 -2.53 -1.20 -5.27
C ASN A 188 -1.81 -2.48 -4.89
N VAL A 189 -0.81 -2.84 -5.71
CA VAL A 189 -0.09 -4.09 -5.53
C VAL A 189 0.94 -3.99 -4.40
N MET A 190 0.72 -4.75 -3.34
CA MET A 190 1.56 -4.66 -2.14
C MET A 190 2.82 -5.49 -2.31
N ALA A 191 3.73 -4.97 -3.14
CA ALA A 191 4.94 -5.68 -3.52
C ALA A 191 6.07 -5.47 -2.50
N TYR A 192 5.79 -5.85 -1.26
CA TYR A 192 6.76 -5.74 -0.16
C TYR A 192 6.41 -6.71 0.96
N ASP A 193 7.21 -6.70 2.03
CA ASP A 193 7.08 -7.62 3.15
C ASP A 193 7.23 -9.09 2.72
N PHE A 194 8.12 -9.33 1.76
CA PHE A 194 8.44 -10.67 1.30
C PHE A 194 9.30 -11.40 2.32
N HIS A 195 10.09 -10.61 3.05
CA HIS A 195 11.05 -11.12 4.02
C HIS A 195 11.08 -10.19 5.20
N GLY A 196 11.42 -10.73 6.37
CA GLY A 196 11.44 -9.97 7.62
C GLY A 196 11.93 -10.81 8.77
N SER A 197 11.86 -10.24 9.97
CA SER A 197 12.40 -10.85 11.19
C SER A 197 11.77 -12.19 11.56
N TRP A 198 10.64 -12.51 10.95
CA TRP A 198 10.01 -13.83 11.11
C TRP A 198 10.87 -14.96 10.49
N GLU A 199 11.88 -14.57 9.71
CA GLU A 199 12.85 -15.50 9.13
C GLU A 199 14.21 -15.41 9.82
N ASN A 200 14.95 -16.52 9.81
CA ASN A 200 16.25 -16.63 10.48
C ASN A 200 17.44 -16.21 9.62
N PHE A 201 17.16 -15.62 8.46
CA PHE A 201 18.19 -15.10 7.57
C PHE A 201 17.76 -13.73 7.06
N THR A 202 18.72 -12.83 6.90
CA THR A 202 18.44 -11.54 6.27
C THR A 202 18.09 -11.73 4.81
N GLY A 203 17.27 -10.83 4.29
CA GLY A 203 16.81 -10.89 2.91
C GLY A 203 16.31 -9.54 2.45
N ALA A 204 16.04 -9.42 1.15
CA ALA A 204 15.48 -8.20 0.57
C ALA A 204 13.96 -8.19 0.69
N PRO A 205 13.42 -7.37 1.61
CA PRO A 205 11.98 -7.43 1.91
C PRO A 205 11.08 -7.05 0.73
N ALA A 206 11.60 -6.29 -0.23
CA ALA A 206 10.80 -5.91 -1.39
C ALA A 206 11.52 -6.15 -2.73
N ALA A 207 12.34 -7.21 -2.78
CA ALA A 207 13.11 -7.54 -3.97
C ALA A 207 12.27 -7.41 -5.24
N LEU A 208 12.82 -6.69 -6.22
CA LEU A 208 12.19 -6.57 -7.53
C LEU A 208 12.30 -7.91 -8.26
N ARG A 209 13.47 -8.53 -8.15
CA ARG A 209 13.70 -9.85 -8.74
C ARG A 209 14.74 -10.63 -7.93
N ASP A 210 14.86 -11.92 -8.21
CA ASP A 210 15.85 -12.78 -7.57
C ASP A 210 16.07 -14.00 -8.44
N SER A 213 14.51 -16.82 -6.26
CA SER A 213 13.25 -16.84 -5.54
C SER A 213 12.08 -16.33 -6.39
N LYS A 214 10.89 -16.82 -6.09
CA LYS A 214 9.66 -16.40 -6.75
C LYS A 214 8.87 -15.37 -5.92
N PHE A 215 9.33 -15.12 -4.70
CA PHE A 215 8.74 -14.08 -3.86
C PHE A 215 9.36 -12.72 -4.19
N THR A 216 8.99 -12.19 -5.35
CA THR A 216 9.53 -10.91 -5.82
C THR A 216 8.45 -10.07 -6.47
N ALA A 217 8.70 -8.76 -6.54
CA ALA A 217 7.75 -7.83 -7.14
C ALA A 217 7.45 -8.18 -8.60
N SER A 218 8.49 -8.50 -9.37
CA SER A 218 8.33 -8.80 -10.80
C SER A 218 7.50 -10.05 -11.04
N VAL A 219 7.78 -11.11 -10.27
CA VAL A 219 7.01 -12.36 -10.39
C VAL A 219 5.53 -12.12 -10.09
N GLY A 220 5.27 -11.34 -9.05
CA GLY A 220 3.90 -10.97 -8.70
C GLY A 220 3.22 -10.18 -9.79
N ILE A 221 3.89 -9.14 -10.30
CA ILE A 221 3.36 -8.35 -11.42
C ILE A 221 3.08 -9.23 -12.65
N GLU A 222 4.05 -10.08 -12.99
CA GLU A 222 3.90 -11.02 -14.12
C GLU A 222 2.65 -11.89 -13.96
N SER A 223 2.37 -12.31 -12.73
CA SER A 223 1.20 -13.17 -12.46
C SER A 223 -0.12 -12.47 -12.78
N PHE A 224 -0.23 -11.19 -12.41
CA PHE A 224 -1.43 -10.42 -12.74
C PHE A 224 -1.56 -10.24 -14.24
N LEU A 225 -0.44 -9.94 -14.90
CA LEU A 225 -0.44 -9.75 -16.35
C LEU A 225 -0.80 -11.02 -17.11
N ALA A 226 -0.27 -12.16 -16.65
CA ALA A 226 -0.51 -13.47 -17.27
C ALA A 226 -1.97 -13.87 -17.13
N ALA A 227 -2.61 -13.46 -16.04
CA ALA A 227 -4.01 -13.75 -15.80
C ALA A 227 -4.93 -12.89 -16.67
N GLY A 228 -4.39 -11.81 -17.21
CA GLY A 228 -5.14 -10.94 -18.10
C GLY A 228 -5.45 -9.54 -17.59
N MET A 229 -4.81 -9.13 -16.49
CA MET A 229 -5.02 -7.77 -15.99
C MET A 229 -4.45 -6.75 -16.98
N PRO A 230 -5.25 -5.74 -17.37
CA PRO A 230 -4.69 -4.65 -18.18
C PRO A 230 -3.58 -3.99 -17.38
N PRO A 231 -2.39 -3.79 -17.99
CA PRO A 231 -1.25 -3.29 -17.22
C PRO A 231 -1.49 -1.95 -16.54
N GLU A 232 -2.30 -1.09 -17.15
CA GLU A 232 -2.59 0.23 -16.59
C GLU A 232 -3.40 0.16 -15.28
N LYS A 233 -4.03 -0.98 -15.01
CA LYS A 233 -4.79 -1.20 -13.77
C LYS A 233 -3.90 -1.55 -12.58
N LEU A 234 -2.61 -1.76 -12.83
CA LEU A 234 -1.68 -2.14 -11.77
C LEU A 234 -0.86 -0.95 -11.30
N VAL A 235 -0.84 -0.74 -9.99
CA VAL A 235 0.00 0.30 -9.38
C VAL A 235 0.98 -0.39 -8.44
N LEU A 236 2.28 -0.25 -8.74
CA LEU A 236 3.32 -0.97 -7.99
C LEU A 236 3.63 -0.31 -6.65
N GLY A 237 3.40 -1.05 -5.57
CA GLY A 237 3.73 -0.58 -4.23
C GLY A 237 5.21 -0.59 -3.96
N ILE A 238 5.69 0.45 -3.29
CA ILE A 238 7.08 0.59 -2.88
C ILE A 238 7.08 1.05 -1.43
N PRO A 239 7.82 0.34 -0.57
CA PRO A 239 7.81 0.68 0.86
C PRO A 239 8.72 1.87 1.20
N LEU A 240 8.25 2.73 2.09
CA LEU A 240 9.07 3.80 2.65
C LEU A 240 9.59 3.41 4.03
N PHE A 241 9.66 2.10 4.26
CA PHE A 241 10.22 1.54 5.48
C PHE A 241 11.06 0.32 5.11
N GLY A 242 11.92 -0.09 6.03
CA GLY A 242 12.69 -1.32 5.87
C GLY A 242 12.34 -2.34 6.92
N ARG A 243 12.71 -3.59 6.66
CA ARG A 243 12.60 -4.66 7.64
C ARG A 243 13.97 -4.91 8.27
N SER A 244 14.01 -5.02 9.59
CA SER A 244 15.26 -5.13 10.31
C SER A 244 15.42 -6.43 11.10
N TRP A 245 16.67 -6.86 11.23
CA TRP A 245 17.04 -8.07 11.94
C TRP A 245 18.17 -7.77 12.91
N LEU A 246 18.32 -8.60 13.92
CA LEU A 246 19.55 -8.64 14.71
C LEU A 246 20.41 -9.77 14.15
N LEU A 247 21.67 -9.47 13.88
CA LEU A 247 22.60 -10.42 13.28
C LEU A 247 23.13 -11.39 14.31
N LYS A 248 23.30 -12.64 13.90
CA LYS A 248 23.94 -13.64 14.76
C LYS A 248 25.44 -13.33 14.91
N ASN A 249 26.07 -12.93 13.82
CA ASN A 249 27.49 -12.56 13.83
C ASN A 249 27.71 -11.23 13.13
N ASN A 250 28.45 -10.34 13.79
CA ASN A 250 28.70 -8.99 13.27
C ASN A 250 29.61 -8.91 12.05
N ASN A 251 30.28 -10.01 11.74
CA ASN A 251 31.11 -10.07 10.52
C ASN A 251 30.41 -10.71 9.32
N GLU A 252 29.18 -11.17 9.53
CA GLU A 252 28.37 -11.70 8.44
C GLU A 252 27.21 -10.75 8.21
N VAL A 253 27.36 -9.91 7.19
CA VAL A 253 26.57 -8.69 7.06
C VAL A 253 25.86 -8.52 5.73
N GLY A 254 25.98 -9.51 4.84
CA GLY A 254 25.34 -9.44 3.54
C GLY A 254 23.94 -10.04 3.57
N ILE A 255 23.36 -10.22 2.39
CA ILE A 255 22.07 -10.88 2.24
C ILE A 255 22.23 -12.38 2.44
N GLY A 256 21.36 -12.96 3.26
CA GLY A 256 21.43 -14.37 3.60
C GLY A 256 22.24 -14.65 4.85
N ALA A 257 22.61 -13.60 5.58
CA ALA A 257 23.32 -13.75 6.84
C ALA A 257 22.38 -14.25 7.94
N PRO A 258 22.90 -15.09 8.85
CA PRO A 258 22.08 -15.63 9.95
C PRO A 258 21.63 -14.55 10.92
N ALA A 259 20.39 -14.66 11.40
CA ALA A 259 19.79 -13.66 12.28
C ALA A 259 19.16 -14.29 13.52
N VAL A 260 19.06 -13.50 14.59
CA VAL A 260 18.56 -13.99 15.89
C VAL A 260 17.28 -13.30 16.39
N GLY A 261 16.65 -12.50 15.53
CA GLY A 261 15.39 -11.83 15.88
C GLY A 261 15.19 -10.48 15.22
N ALA A 262 14.13 -9.80 15.64
CA ALA A 262 13.78 -8.49 15.09
C ALA A 262 14.72 -7.39 15.56
N GLY A 263 15.14 -6.54 14.61
CA GLY A 263 15.83 -5.31 14.95
C GLY A 263 14.82 -4.22 15.29
N PRO A 264 15.28 -2.97 15.43
CA PRO A 264 14.35 -1.86 15.73
C PRO A 264 13.58 -1.46 14.47
N VAL A 265 12.37 -0.90 14.60
CA VAL A 265 11.57 -0.87 15.82
C VAL A 265 10.57 -2.01 15.66
N ASP A 266 10.72 -3.04 16.50
CA ASP A 266 9.91 -4.26 16.37
C ASP A 266 9.94 -4.82 14.94
N GLY A 267 11.10 -4.74 14.31
CA GLY A 267 11.33 -5.33 12.99
C GLY A 267 11.13 -4.42 11.79
N ALA A 268 10.75 -3.16 12.05
CA ALA A 268 10.56 -2.19 10.97
C ALA A 268 11.13 -0.81 11.30
N LEU A 269 11.81 -0.22 10.33
CA LEU A 269 12.38 1.12 10.45
C LEU A 269 11.92 2.00 9.30
N SER A 270 11.53 3.24 9.61
CA SER A 270 11.15 4.19 8.55
C SER A 270 12.37 4.58 7.73
N PHE A 271 12.16 4.95 6.48
CA PHE A 271 13.26 5.41 5.63
C PHE A 271 14.05 6.56 6.28
N SER A 272 13.34 7.51 6.89
CA SER A 272 13.99 8.61 7.59
C SER A 272 14.91 8.10 8.71
N GLU A 273 14.44 7.11 9.47
CA GLU A 273 15.24 6.50 10.53
C GLU A 273 16.45 5.75 9.95
N ILE A 274 16.26 5.13 8.78
CA ILE A 274 17.35 4.44 8.07
C ILE A 274 18.42 5.44 7.64
N GLN A 275 17.99 6.62 7.16
CA GLN A 275 18.93 7.70 6.84
C GLN A 275 19.74 8.12 8.06
N ASN A 276 19.08 8.19 9.23
CA ASN A 276 19.78 8.49 10.48
C ASN A 276 20.76 7.38 10.85
N PHE A 277 20.35 6.14 10.63
CA PHE A 277 21.17 4.95 10.87
C PHE A 277 22.48 5.05 10.07
N ILE A 278 22.35 5.37 8.79
CA ILE A 278 23.51 5.53 7.90
C ILE A 278 24.41 6.70 8.32
N ARG A 279 23.80 7.86 8.58
CA ARG A 279 24.58 9.02 9.05
C ARG A 279 25.28 8.75 10.38
N GLY A 280 24.70 7.86 11.18
CA GLY A 280 25.27 7.46 12.47
C GLY A 280 26.28 6.33 12.38
N GLY A 281 26.67 5.94 11.17
CA GLY A 281 27.77 4.98 11.00
C GLY A 281 27.45 3.65 10.37
N ALA A 282 26.19 3.41 10.01
CA ALA A 282 25.82 2.20 9.28
C ALA A 282 26.35 2.29 7.85
N ARG A 283 26.75 1.15 7.30
CA ARG A 283 27.18 1.09 5.91
C ARG A 283 26.02 0.74 4.99
N GLU A 284 25.79 1.56 3.97
CA GLU A 284 24.77 1.29 2.95
C GLU A 284 25.37 0.48 1.81
N VAL A 285 24.61 -0.53 1.38
CA VAL A 285 24.98 -1.37 0.25
C VAL A 285 23.78 -1.44 -0.71
N PHE A 286 24.04 -1.25 -1.99
CA PHE A 286 23.05 -1.52 -3.02
C PHE A 286 23.26 -2.93 -3.53
N ASP A 287 22.19 -3.71 -3.56
CA ASP A 287 22.24 -5.09 -4.02
C ASP A 287 21.61 -5.20 -5.40
N THR A 288 22.45 -5.29 -6.43
CA THR A 288 21.95 -5.33 -7.80
C THR A 288 21.17 -6.61 -8.12
N THR A 289 21.51 -7.70 -7.44
CA THR A 289 20.87 -9.00 -7.65
C THR A 289 19.36 -8.92 -7.41
N THR A 290 18.97 -8.22 -6.33
CA THR A 290 17.56 -8.10 -5.95
C THR A 290 16.93 -6.76 -6.31
N VAL A 291 17.78 -5.78 -6.66
CA VAL A 291 17.36 -4.38 -6.85
C VAL A 291 16.79 -3.87 -5.52
N SER A 292 17.68 -3.66 -4.57
CA SER A 292 17.31 -3.29 -3.21
C SER A 292 18.53 -2.73 -2.51
N ALA A 293 18.30 -2.20 -1.31
CA ALA A 293 19.37 -1.71 -0.47
C ALA A 293 19.33 -2.38 0.88
N TYR A 294 20.49 -2.40 1.53
CA TYR A 294 20.56 -2.75 2.94
C TYR A 294 21.63 -1.94 3.65
N ALA A 295 21.49 -1.84 4.96
CA ALA A 295 22.41 -1.07 5.79
C ALA A 295 22.65 -1.80 7.10
N TYR A 296 23.89 -1.74 7.60
CA TYR A 296 24.23 -2.46 8.82
C TYR A 296 25.23 -1.71 9.68
N LYS A 297 25.10 -1.91 10.99
CA LYS A 297 26.04 -1.39 11.98
C LYS A 297 25.98 -2.32 13.17
N ASP A 298 27.16 -2.76 13.63
CA ASP A 298 27.24 -3.72 14.71
C ASP A 298 26.30 -4.90 14.44
N ASN A 299 25.34 -5.15 15.31
CA ASN A 299 24.44 -6.30 15.15
C ASN A 299 23.09 -6.00 14.49
N VAL A 300 22.91 -4.78 13.98
CA VAL A 300 21.65 -4.37 13.36
C VAL A 300 21.77 -4.30 11.83
N TRP A 301 20.80 -4.93 11.15
CA TRP A 301 20.78 -5.03 9.69
C TRP A 301 19.38 -4.68 9.22
N VAL A 302 19.29 -3.82 8.21
CA VAL A 302 17.98 -3.40 7.68
C VAL A 302 17.96 -3.45 6.15
N GLY A 303 16.92 -4.06 5.59
CA GLY A 303 16.73 -4.10 4.14
C GLY A 303 15.60 -3.17 3.76
N TYR A 304 15.81 -2.40 2.69
CA TYR A 304 14.89 -1.31 2.32
C TYR A 304 15.08 -0.91 0.86
N ASP A 305 14.38 0.14 0.46
CA ASP A 305 14.57 0.76 -0.85
C ASP A 305 15.22 2.13 -0.70
N ASN A 306 16.24 2.38 -1.52
CA ASN A 306 16.93 3.66 -1.52
C ASN A 306 16.71 4.42 -2.83
N GLN A 307 17.44 5.51 -3.01
N GLN A 307 17.41 5.54 -3.01
CA GLN A 307 17.31 6.37 -4.18
CA GLN A 307 17.25 6.33 -4.23
C GLN A 307 17.52 5.63 -5.51
C GLN A 307 17.41 5.50 -5.49
N GLN A 308 18.48 4.71 -5.53
CA GLN A 308 18.77 3.89 -6.70
C GLN A 308 17.70 2.82 -6.97
N SER A 309 17.33 2.05 -5.95
CA SER A 309 16.36 0.98 -6.15
C SER A 309 14.95 1.51 -6.46
N VAL A 310 14.58 2.65 -5.87
CA VAL A 310 13.29 3.27 -6.20
C VAL A 310 13.27 3.72 -7.67
N ALA A 311 14.34 4.36 -8.13
CA ALA A 311 14.41 4.79 -9.52
C ALA A 311 14.31 3.60 -10.47
N LEU A 312 14.99 2.51 -10.11
CA LEU A 312 14.94 1.27 -10.90
C LEU A 312 13.55 0.63 -10.89
N LYS A 313 12.89 0.62 -9.74
CA LYS A 313 11.53 0.07 -9.65
C LYS A 313 10.52 0.91 -10.43
N VAL A 314 10.68 2.23 -10.40
CA VAL A 314 9.76 3.11 -11.11
C VAL A 314 9.94 2.98 -12.62
N GLN A 315 11.19 2.86 -13.07
CA GLN A 315 11.46 2.63 -14.50
C GLN A 315 10.95 1.26 -14.94
N TYR A 316 11.11 0.25 -14.07
CA TYR A 316 10.53 -1.07 -14.28
C TYR A 316 9.03 -0.97 -14.52
N ALA A 317 8.33 -0.23 -13.66
CA ALA A 317 6.89 -0.04 -13.79
C ALA A 317 6.52 0.61 -15.11
N LYS A 318 7.31 1.61 -15.53
CA LYS A 318 7.06 2.27 -16.80
C LYS A 318 7.28 1.31 -17.99
N GLU A 319 8.35 0.53 -17.94
CA GLU A 319 8.65 -0.45 -19.00
C GLU A 319 7.61 -1.58 -19.08
N LYS A 320 7.03 -1.93 -17.93
CA LYS A 320 5.97 -2.94 -17.88
C LYS A 320 4.59 -2.34 -18.18
N ARG A 321 4.56 -1.05 -18.48
CA ARG A 321 3.34 -0.33 -18.88
C ARG A 321 2.29 -0.25 -17.77
N LEU A 322 2.77 -0.23 -16.53
CA LEU A 322 1.87 -0.17 -15.38
C LEU A 322 1.23 1.22 -15.25
N GLY A 323 0.15 1.29 -14.46
CA GLY A 323 -0.55 2.56 -14.23
C GLY A 323 0.28 3.56 -13.45
N GLY A 324 1.18 3.06 -12.63
CA GLY A 324 2.06 3.91 -11.82
C GLY A 324 2.61 3.18 -10.61
N TYR A 325 2.85 3.93 -9.54
CA TYR A 325 3.42 3.40 -8.30
C TYR A 325 2.74 4.02 -7.10
N PHE A 326 2.85 3.36 -5.96
CA PHE A 326 2.41 3.93 -4.68
C PHE A 326 3.44 3.75 -3.60
N PHE A 327 3.41 4.65 -2.62
CA PHE A 327 4.26 4.55 -1.44
C PHE A 327 3.46 4.29 -0.18
N TRP A 328 3.87 3.29 0.58
CA TRP A 328 3.42 3.13 1.96
C TRP A 328 4.62 3.33 2.89
N SER A 329 4.63 4.35 3.73
CA SER A 329 3.61 5.39 3.86
C SER A 329 4.35 6.72 3.98
N VAL A 330 3.72 7.82 3.58
CA VAL A 330 4.43 9.08 3.32
C VAL A 330 5.06 9.74 4.55
N ASN A 331 4.53 9.46 5.74
CA ASN A 331 5.10 9.93 7.00
C ASN A 331 6.49 9.34 7.31
N GLN A 332 6.85 8.28 6.60
N GLN A 332 6.85 8.29 6.61
CA GLN A 332 8.08 7.54 6.87
CA GLN A 332 8.09 7.55 6.88
C GLN A 332 9.30 8.07 6.11
C GLN A 332 9.29 8.06 6.10
N ASP A 333 9.05 9.01 5.19
CA ASP A 333 10.12 9.68 4.44
C ASP A 333 9.87 11.18 4.58
N ILE A 334 10.31 11.72 5.72
CA ILE A 334 9.94 13.10 6.09
C ILE A 334 10.42 14.17 5.11
N ASP A 335 11.57 13.92 4.47
CA ASP A 335 12.13 14.86 3.52
C ASP A 335 11.69 14.56 2.07
N ALA A 336 10.82 13.56 1.93
CA ALA A 336 10.27 13.12 0.64
C ALA A 336 11.36 12.83 -0.40
N ILE A 337 12.44 12.18 0.06
CA ILE A 337 13.56 11.83 -0.81
C ILE A 337 13.13 10.85 -1.89
N LEU A 338 12.43 9.79 -1.49
CA LEU A 338 12.04 8.75 -2.43
C LEU A 338 10.86 9.15 -3.34
N PRO A 339 9.83 9.83 -2.79
CA PRO A 339 8.83 10.36 -3.70
C PRO A 339 9.38 11.33 -4.76
N LYS A 340 10.42 12.09 -4.42
CA LYS A 340 11.06 12.98 -5.38
C LYS A 340 11.72 12.22 -6.52
N ILE A 341 12.58 11.26 -6.19
CA ILE A 341 13.22 10.47 -7.24
C ILE A 341 12.21 9.71 -8.09
N ALA A 342 11.18 9.16 -7.44
CA ALA A 342 10.14 8.43 -8.18
C ALA A 342 9.44 9.35 -9.19
N SER A 343 9.05 10.55 -8.75
CA SER A 343 8.35 11.49 -9.64
C SER A 343 9.24 11.94 -10.79
N ASP A 344 10.51 12.23 -10.49
CA ASP A 344 11.46 12.62 -11.52
C ASP A 344 11.69 11.50 -12.53
N THR A 345 11.71 10.25 -12.04
CA THR A 345 11.98 9.08 -12.90
C THR A 345 10.88 8.88 -13.93
N TRP A 346 9.62 8.94 -13.51
CA TRP A 346 8.54 8.75 -14.47
C TRP A 346 8.47 9.90 -15.45
N GLY A 347 8.69 11.12 -14.95
CA GLY A 347 8.73 12.31 -15.79
C GLY A 347 9.97 12.42 -16.67
C ACT B . -12.06 -8.32 -5.66
O ACT B . -10.83 -8.51 -5.50
OXT ACT B . -12.46 -7.13 -5.68
CH3 ACT B . -12.99 -9.48 -5.82
C ACT C . -11.44 -14.17 -17.98
O ACT C . -10.66 -13.37 -17.44
OXT ACT C . -12.63 -14.14 -17.60
CH3 ACT C . -10.96 -15.10 -19.06
C ACT D . -3.84 -0.27 0.01
O ACT D . -4.21 -0.16 1.21
OXT ACT D . -4.70 -0.02 -0.87
CH3 ACT D . -2.43 -0.66 -0.33
#